data_9I0W
#
_entry.id   9I0W
#
_cell.length_a   72.066
_cell.length_b   72.066
_cell.length_c   89.048
_cell.angle_alpha   90
_cell.angle_beta   90
_cell.angle_gamma   120
#
_symmetry.space_group_name_H-M   'P 31 2 1'
#
loop_
_entity.id
_entity.type
_entity.pdbx_description
1 polymer 'Programmed cell death 1 ligand 1'
2 non-polymer '(3~{R})-1-[[7-(iminomethyl)-2-[2-methyl-3-[2-methyl-3-[[3-[[(3~{R})-3-oxidanylpyrrolidin-1-yl]methyl]-1,7-naphthyridin-8-yl]amino]phenyl]phenyl]-1,3-benzoxazol-5-yl]methyl]pyrrolidine-3-carboxylic acid'
3 water water
#
_entity_poly.entity_id   1
_entity_poly.type   'polypeptide(L)'
_entity_poly.pdbx_seq_one_letter_code
;MGSAFTVTVPKDLYVVEYGSNMTIECKFPVEKQLDLAALIVYWEMEDKNIIQFVHGEEDLKVQHSSYRQRARLLKDQLSL
GNAALQITDVKLQDAGVYRCMISYGGADYKRITVKVNAPYAAALEHHHHHH
;
_entity_poly.pdbx_strand_id   A,B
#
loop_
_chem_comp.id
_chem_comp.type
_chem_comp.name
_chem_comp.formula
A1IZP non-polymer '(3~{R})-1-[[7-(iminomethyl)-2-[2-methyl-3-[2-methyl-3-[[3-[[(3~{R})-3-oxidanylpyrrolidin-1-yl]methyl]-1,7-naphthyridin-8-yl]amino]phenyl]phenyl]-1,3-benzoxazol-5-yl]methyl]pyrrolidine-3-carboxylic acid' 'C41 H41 N7 O4'
#
# COMPACT_ATOMS: atom_id res chain seq x y z
N ALA A 4 -10.68 13.27 2.99
CA ALA A 4 -9.36 12.59 3.14
C ALA A 4 -9.65 11.11 3.45
N PHE A 5 -10.01 10.36 2.40
CA PHE A 5 -10.25 8.92 2.42
C PHE A 5 -9.40 8.26 3.51
N THR A 6 -10.10 7.77 4.55
CA THR A 6 -9.52 7.04 5.67
C THR A 6 -10.09 5.63 5.71
N VAL A 7 -9.20 4.66 5.91
CA VAL A 7 -9.53 3.36 6.50
C VAL A 7 -9.29 3.38 8.02
N THR A 8 -10.18 2.73 8.77
CA THR A 8 -10.08 2.60 10.24
C THR A 8 -10.18 1.13 10.63
N VAL A 9 -9.47 0.79 11.73
CA VAL A 9 -9.54 -0.54 12.34
C VAL A 9 -10.29 -0.47 13.67
N PRO A 10 -11.45 -1.17 13.82
CA PRO A 10 -12.17 -1.21 15.09
C PRO A 10 -11.31 -1.75 16.23
N LYS A 11 -10.66 -2.90 16.00
CA LYS A 11 -9.67 -3.47 16.90
C LYS A 11 -8.37 -3.72 16.12
N ASP A 12 -7.23 -3.32 16.73
CA ASP A 12 -5.92 -3.40 16.12
C ASP A 12 -5.10 -4.59 16.62
N LEU A 13 -5.58 -5.23 17.70
CA LEU A 13 -4.96 -6.36 18.39
C LEU A 13 -5.99 -7.47 18.53
N TYR A 14 -5.63 -8.63 18.03
CA TYR A 14 -6.50 -9.78 18.13
C TYR A 14 -5.73 -10.89 18.83
N VAL A 15 -6.34 -11.36 19.93
CA VAL A 15 -5.86 -12.49 20.72
C VAL A 15 -6.82 -13.64 20.48
N VAL A 16 -6.29 -14.72 19.92
CA VAL A 16 -7.15 -15.76 19.38
C VAL A 16 -6.62 -17.10 19.86
N GLU A 17 -7.56 -18.05 19.92
CA GLU A 17 -7.23 -19.40 20.34
C GLU A 17 -6.78 -20.22 19.14
N TYR A 18 -5.77 -21.05 19.35
CA TYR A 18 -5.35 -22.02 18.34
C TYR A 18 -6.58 -22.78 17.87
N GLY A 19 -6.66 -23.06 16.55
CA GLY A 19 -7.72 -23.81 15.91
C GLY A 19 -9.08 -23.10 15.95
N SER A 20 -9.18 -21.91 16.55
CA SER A 20 -10.44 -21.17 16.43
C SER A 20 -10.60 -20.57 15.02
N ASN A 21 -11.62 -19.72 14.85
CA ASN A 21 -11.88 -18.98 13.62
C ASN A 21 -11.78 -17.49 13.96
N MET A 22 -11.21 -16.67 13.06
CA MET A 22 -11.15 -15.23 13.29
C MET A 22 -11.54 -14.46 12.04
N THR A 23 -12.08 -13.27 12.30
CA THR A 23 -12.48 -12.30 11.30
C THR A 23 -11.86 -10.97 11.67
N ILE A 24 -11.00 -10.45 10.78
CA ILE A 24 -10.43 -9.14 11.02
C ILE A 24 -11.03 -8.16 10.04
N GLU A 25 -11.17 -6.91 10.52
CA GLU A 25 -12.02 -5.95 9.83
C GLU A 25 -11.25 -4.68 9.50
N CYS A 26 -11.44 -4.19 8.27
CA CYS A 26 -11.04 -2.84 7.85
C CYS A 26 -12.30 -2.12 7.36
N LYS A 27 -12.55 -0.93 7.92
CA LYS A 27 -13.69 -0.14 7.53
C LYS A 27 -13.26 1.05 6.68
N PHE A 28 -14.06 1.32 5.63
CA PHE A 28 -13.80 2.37 4.65
C PHE A 28 -15.13 3.00 4.23
N PRO A 29 -15.19 4.31 3.81
CA PRO A 29 -16.47 4.98 3.58
C PRO A 29 -17.16 4.53 2.29
N VAL A 30 -18.42 4.10 2.39
CA VAL A 30 -19.29 3.73 1.28
C VAL A 30 -20.60 4.50 1.52
N GLU A 31 -20.58 5.79 1.15
CA GLU A 31 -21.70 6.71 1.33
C GLU A 31 -22.86 6.34 0.40
N LYS A 32 -22.66 5.36 -0.49
CA LYS A 32 -23.58 5.04 -1.55
C LYS A 32 -23.68 3.52 -1.64
N GLN A 33 -24.14 3.06 -2.81
CA GLN A 33 -24.06 1.66 -3.24
C GLN A 33 -22.68 1.38 -3.84
N LEU A 34 -22.01 0.36 -3.28
CA LEU A 34 -20.62 0.05 -3.60
C LEU A 34 -20.48 -0.04 -5.12
N ASP A 35 -19.50 0.70 -5.68
CA ASP A 35 -19.18 0.64 -7.09
C ASP A 35 -17.89 -0.16 -7.27
N LEU A 36 -18.01 -1.35 -7.87
CA LEU A 36 -16.96 -2.33 -8.11
C LEU A 36 -15.89 -1.85 -9.09
N ALA A 37 -16.28 -0.95 -10.00
CA ALA A 37 -15.37 -0.29 -10.92
C ALA A 37 -14.31 0.50 -10.15
N ALA A 38 -14.66 1.04 -8.98
CA ALA A 38 -13.67 1.79 -8.23
C ALA A 38 -12.87 0.96 -7.22
N LEU A 39 -13.13 -0.35 -7.01
CA LEU A 39 -12.75 -0.97 -5.73
C LEU A 39 -11.54 -1.90 -5.83
N ILE A 40 -10.50 -1.65 -5.00
CA ILE A 40 -9.43 -2.62 -4.79
C ILE A 40 -9.25 -2.88 -3.30
N VAL A 41 -9.16 -4.18 -2.94
CA VAL A 41 -9.04 -4.68 -1.56
C VAL A 41 -7.90 -5.69 -1.57
N TYR A 42 -6.87 -5.33 -0.78
CA TYR A 42 -5.76 -6.25 -0.66
C TYR A 42 -5.44 -6.54 0.79
N TRP A 43 -5.17 -7.82 1.14
CA TRP A 43 -4.75 -8.20 2.47
C TRP A 43 -3.49 -9.01 2.39
N GLU A 44 -2.46 -8.57 3.16
CA GLU A 44 -1.19 -9.27 3.25
C GLU A 44 -0.80 -9.50 4.71
N MET A 45 0.06 -10.51 4.89
CA MET A 45 0.67 -10.77 6.19
C MET A 45 2.11 -11.12 5.89
N GLU A 46 3.04 -10.32 6.44
CA GLU A 46 4.47 -10.50 6.27
C GLU A 46 4.86 -10.94 4.86
N ASP A 47 4.40 -10.23 3.83
CA ASP A 47 4.76 -10.50 2.42
C ASP A 47 4.10 -11.76 1.84
N LYS A 48 3.20 -12.46 2.57
CA LYS A 48 2.28 -13.44 1.98
C LYS A 48 1.01 -12.72 1.51
N ASN A 49 0.70 -12.83 0.20
CA ASN A 49 -0.57 -12.43 -0.39
C ASN A 49 -1.72 -13.27 0.15
N ILE A 50 -2.70 -12.62 0.75
CA ILE A 50 -3.83 -13.36 1.30
C ILE A 50 -5.10 -13.21 0.43
N ILE A 51 -5.59 -11.97 0.28
CA ILE A 51 -6.71 -11.65 -0.59
C ILE A 51 -6.32 -10.53 -1.55
N GLN A 52 -6.69 -10.70 -2.81
CA GLN A 52 -6.60 -9.76 -3.92
C GLN A 52 -7.99 -9.68 -4.58
N PHE A 53 -8.73 -8.62 -4.25
CA PHE A 53 -9.99 -8.31 -4.89
C PHE A 53 -9.85 -7.04 -5.72
N VAL A 54 -9.87 -7.18 -7.05
CA VAL A 54 -9.49 -6.09 -7.95
C VAL A 54 -10.68 -5.81 -8.87
N HIS A 55 -11.39 -4.67 -8.64
CA HIS A 55 -12.55 -4.30 -9.45
C HIS A 55 -13.66 -5.35 -9.53
N GLY A 56 -13.82 -6.21 -8.53
CA GLY A 56 -14.83 -7.25 -8.68
C GLY A 56 -14.19 -8.59 -8.97
N GLU A 57 -12.91 -8.61 -9.36
CA GLU A 57 -12.24 -9.83 -9.78
C GLU A 57 -11.45 -10.44 -8.61
N GLU A 58 -11.65 -11.74 -8.36
CA GLU A 58 -10.97 -12.40 -7.28
C GLU A 58 -10.24 -13.61 -7.87
N ASP A 59 -8.92 -13.58 -7.68
CA ASP A 59 -8.02 -14.54 -8.31
C ASP A 59 -7.43 -15.46 -7.25
N LEU A 60 -7.95 -16.69 -7.18
CA LEU A 60 -7.51 -17.77 -6.33
C LEU A 60 -6.04 -18.06 -6.50
N LYS A 61 -5.50 -17.88 -7.72
CA LYS A 61 -4.19 -18.42 -8.05
C LYS A 61 -3.03 -17.76 -7.27
N VAL A 62 -3.18 -16.48 -6.85
CA VAL A 62 -2.12 -15.67 -6.28
C VAL A 62 -2.06 -15.86 -4.75
N GLN A 63 -3.13 -16.39 -4.15
CA GLN A 63 -3.23 -16.65 -2.72
C GLN A 63 -2.15 -17.62 -2.31
N HIS A 64 -1.43 -17.30 -1.22
CA HIS A 64 -0.34 -18.07 -0.64
C HIS A 64 -0.88 -19.41 -0.11
N SER A 65 -0.11 -20.51 -0.28
CA SER A 65 -0.40 -21.90 0.10
C SER A 65 -1.20 -22.03 1.41
N SER A 66 -0.69 -21.42 2.51
CA SER A 66 -1.21 -21.48 3.88
C SER A 66 -2.68 -21.04 3.92
N TYR A 67 -2.98 -19.94 3.21
CA TYR A 67 -4.27 -19.31 3.39
C TYR A 67 -5.28 -19.96 2.49
N ARG A 68 -4.78 -20.87 1.63
CA ARG A 68 -5.59 -21.46 0.58
C ARG A 68 -6.54 -22.40 1.28
N GLN A 69 -7.83 -22.07 1.10
CA GLN A 69 -8.97 -22.81 1.59
C GLN A 69 -9.10 -22.54 3.09
N ARG A 70 -8.62 -21.38 3.59
CA ARG A 70 -8.81 -21.00 4.98
C ARG A 70 -9.19 -19.53 5.10
N ALA A 71 -8.85 -18.74 4.06
CA ALA A 71 -9.08 -17.30 4.05
C ALA A 71 -10.14 -16.93 3.03
N ARG A 72 -11.12 -16.10 3.46
CA ARG A 72 -12.03 -15.54 2.47
C ARG A 72 -12.41 -14.11 2.83
N LEU A 73 -12.76 -13.36 1.79
CA LEU A 73 -13.25 -11.99 1.96
C LEU A 73 -14.79 -12.03 1.98
N LEU A 74 -15.44 -11.40 2.95
CA LEU A 74 -16.89 -11.53 3.09
C LEU A 74 -17.58 -10.45 2.23
N LYS A 75 -18.07 -10.88 1.07
CA LYS A 75 -18.52 -9.99 -0.01
C LYS A 75 -19.69 -9.11 0.44
N ASP A 76 -20.66 -9.77 1.10
CA ASP A 76 -21.84 -9.19 1.71
C ASP A 76 -21.43 -7.98 2.56
N GLN A 77 -20.39 -8.16 3.40
CA GLN A 77 -19.85 -7.10 4.25
C GLN A 77 -19.21 -5.94 3.46
N LEU A 78 -18.61 -6.18 2.27
CA LEU A 78 -18.02 -5.11 1.48
C LEU A 78 -19.01 -3.95 1.25
N SER A 79 -20.27 -4.33 0.98
CA SER A 79 -21.30 -3.41 0.53
C SER A 79 -21.61 -2.42 1.65
N LEU A 80 -21.13 -2.72 2.86
CA LEU A 80 -21.36 -1.92 4.05
C LEU A 80 -20.06 -1.21 4.39
N GLY A 81 -19.10 -1.24 3.45
CA GLY A 81 -17.78 -0.66 3.69
C GLY A 81 -16.95 -1.35 4.78
N ASN A 82 -16.97 -2.71 4.76
CA ASN A 82 -16.28 -3.52 5.75
C ASN A 82 -15.55 -4.60 4.98
N ALA A 83 -14.23 -4.38 4.84
CA ALA A 83 -13.39 -5.40 4.25
C ALA A 83 -13.01 -6.35 5.39
N ALA A 84 -13.53 -7.56 5.29
CA ALA A 84 -13.59 -8.42 6.46
C ALA A 84 -13.06 -9.75 5.99
N LEU A 85 -11.94 -10.10 6.61
CA LEU A 85 -11.14 -11.26 6.26
C LEU A 85 -11.40 -12.34 7.32
N GLN A 86 -11.88 -13.49 6.87
CA GLN A 86 -12.18 -14.59 7.76
C GLN A 86 -11.12 -15.64 7.54
N ILE A 87 -10.46 -15.96 8.65
CA ILE A 87 -9.45 -17.01 8.69
C ILE A 87 -9.93 -18.11 9.66
N THR A 88 -10.00 -19.34 9.11
CA THR A 88 -10.59 -20.48 9.81
C THR A 88 -9.45 -21.39 10.21
N ASP A 89 -9.56 -21.93 11.45
CA ASP A 89 -8.60 -22.87 12.03
C ASP A 89 -7.24 -22.18 12.10
N VAL A 90 -7.17 -21.17 12.98
CA VAL A 90 -5.99 -20.35 13.20
C VAL A 90 -4.85 -21.27 13.68
N LYS A 91 -3.72 -21.16 12.99
CA LYS A 91 -2.49 -21.87 13.27
C LYS A 91 -1.51 -20.91 13.94
N LEU A 92 -0.30 -21.41 14.27
CA LEU A 92 0.73 -20.63 14.91
C LEU A 92 1.37 -19.63 13.94
N GLN A 93 1.77 -20.12 12.76
CA GLN A 93 2.30 -19.32 11.68
C GLN A 93 1.40 -18.12 11.28
N ASP A 94 0.14 -18.06 11.76
CA ASP A 94 -0.81 -16.99 11.53
C ASP A 94 -0.61 -15.76 12.40
N ALA A 95 0.35 -15.79 13.33
CA ALA A 95 0.48 -14.64 14.18
C ALA A 95 1.44 -13.70 13.50
N GLY A 96 1.20 -12.40 13.64
CA GLY A 96 2.00 -11.37 12.99
C GLY A 96 1.19 -10.10 12.76
N VAL A 97 1.77 -9.15 11.98
CA VAL A 97 1.16 -7.94 11.45
C VAL A 97 0.49 -8.21 10.09
N TYR A 98 -0.83 -8.01 10.06
CA TYR A 98 -1.66 -8.04 8.85
C TYR A 98 -1.75 -6.61 8.29
N ARG A 99 -1.79 -6.44 6.94
CA ARG A 99 -2.04 -5.12 6.35
C ARG A 99 -3.24 -5.25 5.41
N CYS A 100 -4.23 -4.36 5.57
CA CYS A 100 -5.26 -4.25 4.59
C CYS A 100 -5.03 -2.97 3.77
N MET A 101 -5.09 -3.10 2.45
CA MET A 101 -4.82 -1.93 1.58
C MET A 101 -6.05 -1.70 0.74
N ILE A 102 -6.55 -0.45 0.76
CA ILE A 102 -7.76 -0.22 0.03
C ILE A 102 -7.59 0.99 -0.92
N SER A 103 -8.21 0.87 -2.10
CA SER A 103 -8.30 1.92 -3.10
C SER A 103 -9.77 1.97 -3.52
N TYR A 104 -10.43 3.11 -3.24
CA TYR A 104 -11.83 3.39 -3.54
C TYR A 104 -12.06 4.91 -3.59
N GLY A 105 -11.81 5.53 -4.76
CA GLY A 105 -11.61 6.99 -4.91
C GLY A 105 -10.22 7.44 -4.46
N GLY A 106 -10.04 7.66 -3.16
CA GLY A 106 -8.70 7.71 -2.58
C GLY A 106 -8.14 6.32 -2.24
N ALA A 107 -7.07 6.30 -1.44
CA ALA A 107 -6.40 5.08 -1.05
C ALA A 107 -5.81 5.20 0.34
N ASP A 108 -5.90 4.13 1.16
CA ASP A 108 -5.34 4.15 2.50
C ASP A 108 -5.03 2.72 2.93
N TYR A 109 -4.24 2.53 3.99
CA TYR A 109 -4.00 1.16 4.45
C TYR A 109 -3.90 1.18 5.96
N LYS A 110 -4.01 0.02 6.62
CA LYS A 110 -3.89 -0.07 8.07
C LYS A 110 -3.30 -1.42 8.46
N ARG A 111 -2.75 -1.48 9.68
CA ARG A 111 -2.04 -2.63 10.24
C ARG A 111 -2.82 -3.15 11.44
N ILE A 112 -2.81 -4.47 11.63
CA ILE A 112 -3.51 -5.19 12.69
C ILE A 112 -2.56 -6.28 13.19
N THR A 113 -2.36 -6.39 14.53
CA THR A 113 -1.58 -7.48 15.13
C THR A 113 -2.48 -8.63 15.52
N VAL A 114 -2.03 -9.85 15.19
CA VAL A 114 -2.62 -11.10 15.66
C VAL A 114 -1.65 -11.88 16.54
N LYS A 115 -2.15 -12.28 17.73
CA LYS A 115 -1.51 -13.24 18.64
C LYS A 115 -2.40 -14.46 18.72
N VAL A 116 -1.74 -15.61 18.53
CA VAL A 116 -2.37 -16.92 18.67
C VAL A 116 -1.80 -17.57 19.95
N ASN A 117 -2.66 -18.08 20.83
CA ASN A 117 -2.16 -18.90 21.93
C ASN A 117 -2.00 -20.34 21.44
N ALA A 118 -1.03 -21.05 22.04
CA ALA A 118 -0.91 -22.51 21.99
C ALA A 118 -1.94 -23.22 22.90
N ALA B 4 -2.66 -8.65 -12.98
CA ALA B 4 -1.18 -8.70 -13.11
C ALA B 4 -0.64 -7.32 -13.53
N PHE B 5 -0.84 -6.36 -12.62
CA PHE B 5 -0.23 -5.05 -12.57
C PHE B 5 0.95 -5.19 -11.61
N THR B 6 2.18 -4.87 -12.07
CA THR B 6 3.43 -4.97 -11.35
C THR B 6 4.04 -3.59 -11.28
N VAL B 7 4.58 -3.26 -10.11
CA VAL B 7 5.56 -2.18 -9.94
C VAL B 7 6.95 -2.79 -9.74
N THR B 8 7.98 -2.26 -10.43
CA THR B 8 9.36 -2.76 -10.35
C THR B 8 10.31 -1.60 -10.04
N VAL B 9 11.43 -1.93 -9.40
CA VAL B 9 12.44 -0.97 -8.96
C VAL B 9 13.74 -1.29 -9.71
N PRO B 10 14.34 -0.36 -10.47
CA PRO B 10 15.68 -0.58 -11.04
C PRO B 10 16.73 -0.91 -9.96
N LYS B 11 16.82 -0.08 -8.92
CA LYS B 11 17.68 -0.30 -7.76
C LYS B 11 16.87 -0.28 -6.48
N ASP B 12 17.14 -1.25 -5.60
CA ASP B 12 16.47 -1.34 -4.29
C ASP B 12 17.29 -0.73 -3.14
N LEU B 13 18.59 -0.49 -3.38
CA LEU B 13 19.54 0.13 -2.45
C LEU B 13 20.18 1.33 -3.11
N TYR B 14 20.06 2.48 -2.45
CA TYR B 14 20.78 3.67 -2.88
C TYR B 14 21.72 4.10 -1.76
N VAL B 15 23.01 4.19 -2.09
CA VAL B 15 23.99 4.79 -1.19
C VAL B 15 24.31 6.17 -1.74
N VAL B 16 23.91 7.21 -1.01
CA VAL B 16 24.07 8.58 -1.48
C VAL B 16 24.88 9.39 -0.46
N GLU B 17 25.49 10.46 -0.97
CA GLU B 17 26.38 11.26 -0.14
C GLU B 17 25.55 12.37 0.43
N TYR B 18 25.84 12.72 1.70
CA TYR B 18 25.27 13.86 2.41
C TYR B 18 25.31 15.03 1.44
N GLY B 19 24.24 15.85 1.46
CA GLY B 19 24.19 17.16 0.81
C GLY B 19 23.91 17.09 -0.70
N SER B 20 24.23 15.93 -1.32
CA SER B 20 24.05 15.62 -2.72
C SER B 20 22.56 15.53 -3.11
N ASN B 21 22.27 15.03 -4.32
CA ASN B 21 20.93 14.96 -4.87
C ASN B 21 20.62 13.51 -5.20
N MET B 22 19.36 13.10 -4.95
CA MET B 22 18.96 11.74 -5.33
C MET B 22 17.58 11.75 -5.97
N THR B 23 17.43 10.75 -6.84
CA THR B 23 16.19 10.42 -7.54
C THR B 23 15.97 8.93 -7.36
N ILE B 24 14.81 8.60 -6.78
CA ILE B 24 14.53 7.19 -6.68
C ILE B 24 13.26 6.94 -7.48
N GLU B 25 13.17 5.73 -8.04
CA GLU B 25 12.13 5.50 -9.04
C GLU B 25 11.41 4.18 -8.81
N CYS B 26 10.12 4.26 -9.17
CA CYS B 26 9.23 3.12 -9.25
C CYS B 26 8.66 3.12 -10.66
N LYS B 27 8.80 1.97 -11.32
CA LYS B 27 8.31 1.80 -12.69
C LYS B 27 7.06 0.93 -12.71
N PHE B 28 6.11 1.32 -13.57
CA PHE B 28 4.78 0.71 -13.65
C PHE B 28 4.28 0.75 -15.10
N PRO B 29 3.41 -0.20 -15.58
CA PRO B 29 3.07 -0.28 -17.00
C PRO B 29 2.10 0.82 -17.41
N VAL B 30 2.46 1.53 -18.50
CA VAL B 30 1.66 2.60 -19.06
C VAL B 30 1.41 2.29 -20.53
N GLU B 31 0.36 1.49 -20.79
CA GLU B 31 -0.20 1.24 -22.12
C GLU B 31 -0.78 2.52 -22.74
N LYS B 32 -0.12 2.97 -23.81
CA LYS B 32 -0.48 4.15 -24.60
C LYS B 32 -0.37 5.40 -23.73
N GLN B 33 -1.49 6.10 -23.52
CA GLN B 33 -1.46 7.43 -22.94
C GLN B 33 -2.01 7.41 -21.52
N LEU B 34 -1.17 7.89 -20.57
CA LEU B 34 -1.49 7.94 -19.16
C LEU B 34 -2.81 8.67 -18.97
N ASP B 35 -3.75 8.09 -18.22
CA ASP B 35 -4.93 8.79 -17.74
C ASP B 35 -4.76 9.15 -16.27
N LEU B 36 -4.55 10.46 -16.01
CA LEU B 36 -4.08 10.96 -14.73
C LEU B 36 -5.21 10.99 -13.69
N ALA B 37 -6.43 11.11 -14.21
CA ALA B 37 -7.65 11.00 -13.43
C ALA B 37 -7.76 9.62 -12.79
N ALA B 38 -7.18 8.56 -13.38
CA ALA B 38 -7.30 7.24 -12.77
C ALA B 38 -6.12 6.84 -11.87
N LEU B 39 -5.16 7.75 -11.60
CA LEU B 39 -3.82 7.41 -11.10
C LEU B 39 -3.63 7.96 -9.69
N ILE B 40 -3.12 7.09 -8.81
CA ILE B 40 -2.65 7.46 -7.48
C ILE B 40 -1.20 7.00 -7.30
N VAL B 41 -0.37 7.93 -6.82
CA VAL B 41 1.04 7.74 -6.53
C VAL B 41 1.28 8.25 -5.10
N TYR B 42 1.74 7.33 -4.25
CA TYR B 42 2.01 7.64 -2.87
C TYR B 42 3.43 7.26 -2.54
N TRP B 43 4.18 8.15 -1.87
CA TRP B 43 5.51 7.85 -1.33
C TRP B 43 5.49 8.13 0.15
N GLU B 44 6.03 7.18 0.91
CA GLU B 44 6.18 7.27 2.35
C GLU B 44 7.54 6.74 2.78
N MET B 45 7.96 7.21 3.94
CA MET B 45 9.21 6.79 4.57
C MET B 45 8.90 6.61 6.05
N GLU B 46 8.96 5.34 6.48
CA GLU B 46 8.70 4.95 7.86
C GLU B 46 7.46 5.64 8.42
N ASP B 47 6.34 5.66 7.68
CA ASP B 47 5.05 6.21 8.14
C ASP B 47 4.98 7.74 8.00
N LYS B 48 6.09 8.43 7.61
CA LYS B 48 6.02 9.85 7.26
C LYS B 48 5.62 10.03 5.78
N ASN B 49 4.61 10.88 5.58
CA ASN B 49 4.11 11.23 4.27
C ASN B 49 5.11 12.06 3.48
N ILE B 50 5.43 11.56 2.30
CA ILE B 50 6.31 12.31 1.41
C ILE B 50 5.55 12.96 0.25
N ILE B 51 4.84 12.15 -0.55
CA ILE B 51 4.10 12.62 -1.70
C ILE B 51 2.78 11.88 -1.67
N GLN B 52 1.71 12.65 -1.86
CA GLN B 52 0.38 12.13 -2.07
C GLN B 52 -0.19 12.73 -3.35
N PHE B 53 -0.08 12.01 -4.47
CA PHE B 53 -0.54 12.51 -5.78
C PHE B 53 -1.78 11.73 -6.18
N VAL B 54 -2.94 12.33 -5.90
CA VAL B 54 -4.22 11.67 -6.11
C VAL B 54 -4.90 12.32 -7.29
N HIS B 55 -5.06 11.53 -8.39
CA HIS B 55 -5.71 11.95 -9.62
C HIS B 55 -5.22 13.30 -10.20
N GLY B 56 -3.94 13.65 -10.08
CA GLY B 56 -3.46 14.88 -10.69
C GLY B 56 -3.27 16.04 -9.72
N GLU B 57 -3.87 15.98 -8.52
CA GLU B 57 -3.59 16.96 -7.49
C GLU B 57 -2.57 16.36 -6.53
N GLU B 58 -1.50 17.12 -6.22
CA GLU B 58 -0.65 16.86 -5.05
C GLU B 58 -1.18 17.58 -3.82
N ASP B 59 -1.20 16.89 -2.68
CA ASP B 59 -1.85 17.30 -1.43
C ASP B 59 -0.75 17.69 -0.41
N LEU B 60 -0.41 19.01 -0.36
CA LEU B 60 0.56 19.61 0.57
C LEU B 60 -0.26 20.23 1.72
N LYS B 61 -1.18 19.44 2.28
CA LYS B 61 -1.90 19.84 3.48
C LYS B 61 -1.04 19.48 4.69
N VAL B 62 -0.77 18.17 4.87
CA VAL B 62 -0.12 17.59 6.04
C VAL B 62 1.26 17.01 5.69
N GLN B 63 1.56 16.88 4.39
CA GLN B 63 2.73 16.18 3.86
C GLN B 63 4.02 16.75 4.48
N HIS B 64 4.85 15.87 5.07
CA HIS B 64 5.69 16.14 6.25
C HIS B 64 6.89 17.05 5.98
N SER B 65 6.93 18.20 6.68
CA SER B 65 7.63 19.44 6.35
C SER B 65 9.14 19.31 6.08
N SER B 66 9.87 18.37 6.73
CA SER B 66 11.28 18.10 6.45
C SER B 66 11.52 17.73 4.98
N TYR B 67 10.60 16.91 4.43
CA TYR B 67 10.45 16.60 3.02
C TYR B 67 9.26 17.45 2.56
N ARG B 68 9.07 17.58 1.25
CA ARG B 68 8.19 18.59 0.65
C ARG B 68 9.01 19.85 0.49
N GLN B 69 9.89 20.08 1.48
CA GLN B 69 10.89 21.11 1.45
C GLN B 69 11.98 20.71 0.48
N ARG B 70 12.20 19.41 0.23
CA ARG B 70 13.31 18.95 -0.59
C ARG B 70 12.92 17.84 -1.54
N ALA B 71 11.62 17.45 -1.48
CA ALA B 71 11.12 16.23 -2.13
C ALA B 71 10.11 16.58 -3.23
N ARG B 72 10.31 16.00 -4.43
CA ARG B 72 9.37 16.28 -5.51
C ARG B 72 9.11 15.06 -6.39
N LEU B 73 7.88 15.03 -6.91
CA LEU B 73 7.51 14.03 -7.89
C LEU B 73 7.65 14.65 -9.28
N LEU B 74 8.46 14.03 -10.12
CA LEU B 74 8.73 14.49 -11.47
C LEU B 74 7.62 14.01 -12.41
N LYS B 75 6.65 14.91 -12.62
CA LYS B 75 5.42 14.62 -13.36
C LYS B 75 5.73 14.18 -14.79
N ASP B 76 6.72 14.83 -15.43
CA ASP B 76 7.23 14.52 -16.76
C ASP B 76 7.41 13.02 -16.96
N GLN B 77 8.01 12.40 -15.94
CA GLN B 77 8.38 11.00 -15.95
C GLN B 77 7.15 10.06 -15.87
N LEU B 78 6.05 10.53 -15.29
CA LEU B 78 4.84 9.72 -15.13
C LEU B 78 4.39 9.12 -16.47
N SER B 79 4.54 9.93 -17.55
CA SER B 79 3.99 9.61 -18.87
C SER B 79 4.65 8.37 -19.40
N LEU B 80 5.82 8.05 -18.82
CA LEU B 80 6.64 6.94 -19.27
C LEU B 80 6.48 5.82 -18.26
N GLY B 81 5.50 5.94 -17.35
CA GLY B 81 5.32 4.97 -16.27
C GLY B 81 6.51 4.92 -15.29
N ASN B 82 6.96 6.11 -14.85
CA ASN B 82 8.11 6.28 -13.97
C ASN B 82 7.71 7.24 -12.86
N ALA B 83 7.42 6.66 -11.68
CA ALA B 83 7.20 7.50 -10.51
C ALA B 83 8.56 7.81 -9.87
N ALA B 84 8.99 9.07 -9.99
CA ALA B 84 10.35 9.43 -9.65
C ALA B 84 10.35 10.55 -8.62
N LEU B 85 10.91 10.20 -7.45
CA LEU B 85 11.00 11.05 -6.27
C LEU B 85 12.40 11.66 -6.18
N GLN B 86 12.44 13.00 -6.21
CA GLN B 86 13.70 13.70 -6.35
C GLN B 86 13.87 14.44 -5.06
N ILE B 87 15.00 14.10 -4.41
CA ILE B 87 15.35 14.75 -3.14
C ILE B 87 16.68 15.46 -3.34
N THR B 88 16.61 16.77 -3.02
CA THR B 88 17.76 17.65 -3.18
C THR B 88 18.34 17.94 -1.80
N ASP B 89 19.68 17.84 -1.72
CA ASP B 89 20.43 18.10 -0.49
C ASP B 89 19.99 17.10 0.58
N VAL B 90 20.42 15.85 0.33
CA VAL B 90 20.16 14.71 1.17
C VAL B 90 20.72 15.01 2.57
N LYS B 91 19.83 14.83 3.57
CA LYS B 91 20.14 14.94 4.98
C LYS B 91 20.25 13.54 5.57
N LEU B 92 20.46 13.54 6.89
CA LEU B 92 20.60 12.33 7.69
C LEU B 92 19.25 11.64 7.87
N GLN B 93 18.22 12.41 8.25
CA GLN B 93 16.87 11.90 8.49
C GLN B 93 16.26 11.26 7.23
N ASP B 94 16.89 11.43 6.07
CA ASP B 94 16.47 10.88 4.79
C ASP B 94 16.91 9.44 4.57
N ALA B 95 17.64 8.85 5.53
CA ALA B 95 17.99 7.47 5.28
C ALA B 95 16.87 6.63 5.90
N GLY B 96 16.64 5.45 5.32
CA GLY B 96 15.53 4.61 5.73
C GLY B 96 14.88 3.98 4.52
N VAL B 97 13.78 3.24 4.81
CA VAL B 97 13.03 2.44 3.85
C VAL B 97 11.86 3.30 3.34
N TYR B 98 11.89 3.65 2.07
CA TYR B 98 10.78 4.37 1.44
C TYR B 98 9.85 3.31 0.83
N ARG B 99 8.56 3.65 0.73
CA ARG B 99 7.62 2.79 0.01
C ARG B 99 6.98 3.63 -1.06
N CYS B 100 6.89 3.09 -2.28
CA CYS B 100 6.03 3.75 -3.29
C CYS B 100 4.79 2.88 -3.49
N MET B 101 3.61 3.50 -3.43
CA MET B 101 2.37 2.74 -3.62
C MET B 101 1.63 3.29 -4.82
N ILE B 102 1.34 2.41 -5.79
CA ILE B 102 0.67 2.91 -6.99
C ILE B 102 -0.67 2.18 -7.23
N SER B 103 -1.69 2.95 -7.64
CA SER B 103 -2.96 2.45 -8.12
C SER B 103 -3.21 3.04 -9.50
N TYR B 104 -3.27 2.14 -10.52
CA TYR B 104 -3.51 2.47 -11.93
C TYR B 104 -4.07 1.27 -12.71
N GLY B 105 -5.40 1.07 -12.65
CA GLY B 105 -6.05 -0.18 -13.04
C GLY B 105 -5.97 -1.20 -11.90
N GLY B 106 -4.86 -1.94 -11.79
CA GLY B 106 -4.54 -2.62 -10.55
C GLY B 106 -3.78 -1.74 -9.54
N ALA B 107 -3.09 -2.39 -8.58
CA ALA B 107 -2.40 -1.69 -7.50
C ALA B 107 -1.22 -2.52 -6.99
N ASP B 108 -0.07 -1.86 -6.71
CA ASP B 108 1.14 -2.59 -6.28
C ASP B 108 2.03 -1.65 -5.50
N TYR B 109 2.96 -2.21 -4.72
CA TYR B 109 3.88 -1.32 -4.03
C TYR B 109 5.27 -1.90 -4.02
N LYS B 110 6.30 -1.09 -3.76
CA LYS B 110 7.63 -1.65 -3.51
C LYS B 110 8.36 -0.86 -2.41
N ARG B 111 9.40 -1.48 -1.84
CA ARG B 111 10.29 -0.85 -0.87
C ARG B 111 11.66 -0.60 -1.47
N ILE B 112 12.28 0.53 -1.08
CA ILE B 112 13.62 0.93 -1.48
C ILE B 112 14.34 1.46 -0.23
N THR B 113 15.57 0.98 -0.01
CA THR B 113 16.45 1.47 1.06
C THR B 113 17.37 2.56 0.54
N VAL B 114 17.47 3.64 1.32
CA VAL B 114 18.49 4.67 1.18
C VAL B 114 19.44 4.66 2.41
N LYS B 115 20.77 4.69 2.14
CA LYS B 115 21.85 4.96 3.09
C LYS B 115 22.54 6.28 2.71
N VAL B 116 22.81 7.11 3.70
CA VAL B 116 23.52 8.38 3.58
C VAL B 116 24.91 8.26 4.24
N ASN B 117 25.97 8.67 3.51
CA ASN B 117 27.33 8.87 4.01
C ASN B 117 27.52 10.33 4.39
N ALA B 118 28.47 10.63 5.27
CA ALA B 118 29.07 11.95 5.33
C ALA B 118 30.61 11.83 5.46
N PRO B 119 31.45 12.22 4.44
CA PRO B 119 32.89 11.97 4.50
C PRO B 119 33.64 12.85 5.51
C15 A1IZP C . -2.34 7.92 1.20
C16 A1IZP C . -2.19 6.51 1.09
C17 A1IZP C . -1.89 6.21 3.34
C18 A1IZP C . -2.01 7.62 3.56
C19 A1IZP C . -1.93 8.23 4.93
C20 A1IZP C . -3.34 7.30 6.74
C21 A1IZP C . -4.67 7.65 7.42
C22 A1IZP C . -5.36 8.57 6.40
C23 A1IZP C . -4.54 8.47 5.13
C24 A1IZP C . -2.25 8.46 2.50
C25 A1IZP C . -1.76 4.32 -2.72
C26 A1IZP C . -1.86 3.48 -3.87
C27 A1IZP C . -2.18 2.13 -3.74
C28 A1IZP C . -2.84 1.91 0.06
N1 A1IZP C . -4.22 -6.22 -5.60
C1 A1IZP C . -3.13 -6.60 -5.49
C2 A1IZP C . -1.79 -6.55 -4.99
C3 A1IZP C . -1.83 -5.27 -4.33
C4 A1IZP C . -0.66 -4.84 -3.73
N2 A1IZP C . -0.88 -3.57 -3.20
C5 A1IZP C . -2.13 -3.34 -3.38
C6 A1IZP C . -2.85 -2.15 -3.03
C7 A1IZP C . -2.21 -0.91 -2.88
C8 A1IZP C . -3.01 0.20 -2.52
C9 A1IZP C . -2.51 1.61 -2.46
C10 A1IZP C . -2.48 2.44 -1.30
C11 A1IZP C . -2.06 3.80 -1.43
N3 A1IZP C . -2.04 4.60 -0.25
C12 A1IZP C . -2.21 5.94 -0.20
N4 A1IZP C . -2.46 6.73 -1.27
C13 A1IZP C . -2.61 8.10 -1.13
C14 A1IZP C . -2.55 8.74 0.07
N5 A1IZP C . -1.98 5.66 2.14
N6 A1IZP C . -3.20 8.32 5.68
O1 A1IZP C . -5.06 9.83 6.94
C29 A1IZP C . -4.41 0.05 -2.39
C30 A1IZP C . -5.02 -1.18 -2.57
C31 A1IZP C . -4.25 -2.27 -2.90
C32 A1IZP C . -0.71 -0.75 -2.96
O2 A1IZP C . -2.81 -4.29 -4.14
C33 A1IZP C . 0.49 -5.62 -3.73
C34 A1IZP C . 0.51 -6.86 -4.36
C35 A1IZP C . 1.85 -7.52 -4.26
N7 A1IZP C . 2.15 -8.45 -5.35
C36 A1IZP C . 2.33 -7.90 -6.69
C37 A1IZP C . 3.85 -7.80 -6.67
C38 A1IZP C . 4.28 -9.15 -6.15
C39 A1IZP C . 3.31 -9.27 -4.98
C40 A1IZP C . 4.44 -7.42 -8.00
O3 A1IZP C . 5.62 -6.99 -7.99
O4 A1IZP C . 3.67 -7.50 -8.99
C41 A1IZP C . -0.64 -7.34 -4.99
#